data_5KMC
#
_entry.id   5KMC
#
_cell.length_a   78.093
_cell.length_b   46.151
_cell.length_c   63.994
_cell.angle_alpha   90.000
_cell.angle_beta   94.660
_cell.angle_gamma   90.000
#
_symmetry.space_group_name_H-M   'C 1 2 1'
#
loop_
_entity.id
_entity.type
_entity.pdbx_description
1 polymer 'Histidine triad nucleotide-binding protein 1'
2 non-polymer '[2-(1~{H}-indol-3-yl)ethylamino]phosphonic acid'
3 water water
#
_entity_poly.entity_id   1
_entity_poly.type   'polypeptide(L)'
_entity_poly.pdbx_seq_one_letter_code
;SNAMADEIAKAQVARPGGDTIFGKIIRKEIPAKIIFEDDRCLAFHDISPQAPTHFLVIPKKHISQISVAEDDDESLLGHL
MIVGKKCAADLGLNKGYRMVVNEGSDGGQSVYHVHLHVLGGRQMHWPPG
;
_entity_poly.pdbx_strand_id   A,B
#
# COMPACT_ATOMS: atom_id res chain seq x y z
N ARG A 15 -21.56 -6.99 -17.12
CA ARG A 15 -20.85 -7.66 -16.04
C ARG A 15 -20.01 -6.67 -15.22
N PRO A 16 -20.49 -6.33 -14.02
CA PRO A 16 -19.80 -5.33 -13.20
C PRO A 16 -18.50 -5.87 -12.61
N GLY A 17 -17.47 -5.00 -12.60
CA GLY A 17 -16.15 -5.36 -12.15
C GLY A 17 -15.17 -5.71 -13.25
N GLY A 18 -15.66 -5.88 -14.48
CA GLY A 18 -14.80 -6.22 -15.60
C GLY A 18 -14.53 -7.71 -15.72
N ASP A 19 -13.71 -8.04 -16.71
CA ASP A 19 -13.44 -9.43 -17.06
C ASP A 19 -12.00 -9.86 -16.80
N THR A 20 -11.20 -9.05 -16.08
CA THR A 20 -9.99 -9.61 -15.52
C THR A 20 -10.36 -10.74 -14.57
N ILE A 21 -9.36 -11.56 -14.23
CA ILE A 21 -9.64 -12.66 -13.31
C ILE A 21 -10.23 -12.14 -11.99
N PHE A 22 -9.83 -10.93 -11.57
CA PHE A 22 -10.37 -10.38 -10.32
C PHE A 22 -11.82 -9.96 -10.47
N GLY A 23 -12.21 -9.42 -11.62
CA GLY A 23 -13.62 -9.17 -11.88
C GLY A 23 -14.44 -10.45 -11.88
N LYS A 24 -13.89 -11.51 -12.47
CA LYS A 24 -14.55 -12.82 -12.44
C LYS A 24 -14.69 -13.33 -11.01
N ILE A 25 -13.63 -13.18 -10.20
CA ILE A 25 -13.68 -13.62 -8.81
C ILE A 25 -14.76 -12.86 -8.04
N ILE A 26 -14.84 -11.54 -8.27
CA ILE A 26 -15.88 -10.73 -7.61
C ILE A 26 -17.28 -11.29 -7.88
N ARG A 27 -17.53 -11.72 -9.12
CA ARG A 27 -18.85 -12.22 -9.50
C ARG A 27 -19.02 -13.73 -9.26
N LYS A 28 -18.08 -14.36 -8.54
CA LYS A 28 -18.15 -15.78 -8.22
C LYS A 28 -18.11 -16.67 -9.47
N GLU A 29 -17.51 -16.19 -10.55
CA GLU A 29 -17.41 -16.95 -11.78
C GLU A 29 -16.15 -17.81 -11.83
N ILE A 30 -15.15 -17.45 -11.05
CA ILE A 30 -13.92 -18.22 -10.86
C ILE A 30 -13.78 -18.39 -9.35
N PRO A 31 -13.41 -19.56 -8.86
CA PRO A 31 -13.34 -19.74 -7.40
C PRO A 31 -12.14 -19.04 -6.79
N ALA A 32 -12.29 -18.69 -5.52
CA ALA A 32 -11.22 -18.08 -4.74
C ALA A 32 -11.44 -18.45 -3.28
N LYS A 33 -10.36 -18.37 -2.51
CA LYS A 33 -10.42 -18.64 -1.07
C LYS A 33 -10.63 -17.29 -0.38
N ILE A 34 -11.87 -16.99 -0.08
CA ILE A 34 -12.26 -15.66 0.38
C ILE A 34 -12.13 -15.56 1.90
N ILE A 35 -11.55 -14.46 2.35
CA ILE A 35 -11.35 -14.17 3.75
C ILE A 35 -12.45 -13.25 4.27
N PHE A 36 -12.79 -12.23 3.50
CA PHE A 36 -13.70 -11.18 3.93
C PHE A 36 -14.33 -10.57 2.69
N GLU A 37 -15.59 -10.18 2.82
CA GLU A 37 -16.29 -9.52 1.72
C GLU A 37 -17.24 -8.47 2.29
N ASP A 38 -17.24 -7.27 1.69
CA ASP A 38 -18.28 -6.29 1.98
C ASP A 38 -18.73 -5.66 0.67
N ASP A 39 -19.51 -4.60 0.77
CA ASP A 39 -20.06 -3.98 -0.44
C ASP A 39 -19.00 -3.25 -1.26
N ARG A 40 -17.84 -2.96 -0.67
N ARG A 40 -17.83 -2.96 -0.67
CA ARG A 40 -16.80 -2.18 -1.33
CA ARG A 40 -16.81 -2.20 -1.36
C ARG A 40 -15.61 -3.01 -1.80
C ARG A 40 -15.59 -3.00 -1.78
N CYS A 41 -15.37 -4.17 -1.20
CA CYS A 41 -14.10 -4.86 -1.45
C CYS A 41 -14.23 -6.33 -1.11
N LEU A 42 -13.18 -7.06 -1.48
CA LEU A 42 -13.07 -8.48 -1.30
C LEU A 42 -11.63 -8.82 -0.95
N ALA A 43 -11.43 -9.68 0.04
CA ALA A 43 -10.11 -10.16 0.42
C ALA A 43 -10.04 -11.67 0.21
N PHE A 44 -8.97 -12.13 -0.44
CA PHE A 44 -8.85 -13.54 -0.80
C PHE A 44 -7.38 -13.89 -0.92
N HIS A 45 -7.09 -15.18 -0.78
CA HIS A 45 -5.70 -15.62 -0.73
C HIS A 45 -5.07 -15.65 -2.12
N ASP A 46 -3.79 -15.32 -2.18
CA ASP A 46 -3.04 -15.39 -3.43
C ASP A 46 -2.71 -16.85 -3.75
N ILE A 47 -2.89 -17.23 -5.02
CA ILE A 47 -2.66 -18.63 -5.42
C ILE A 47 -1.19 -18.99 -5.54
N SER A 48 -0.31 -18.00 -5.52
CA SER A 48 1.14 -18.22 -5.58
C SER A 48 1.76 -17.46 -4.42
N PRO A 49 1.50 -17.91 -3.18
CA PRO A 49 1.91 -17.12 -2.02
C PRO A 49 3.42 -16.97 -1.94
N GLN A 50 3.85 -15.76 -1.61
CA GLN A 50 5.27 -15.42 -1.42
C GLN A 50 5.64 -15.32 0.04
N ALA A 51 4.72 -15.66 0.93
CA ALA A 51 4.93 -15.67 2.37
C ALA A 51 3.95 -16.66 2.95
N PRO A 52 4.19 -17.13 4.17
CA PRO A 52 3.27 -18.11 4.77
C PRO A 52 1.81 -17.68 4.72
N THR A 53 1.51 -16.40 4.93
CA THR A 53 0.22 -15.81 4.65
C THR A 53 0.41 -14.74 3.58
N HIS A 54 -0.37 -14.83 2.52
CA HIS A 54 -0.27 -13.88 1.42
C HIS A 54 -1.66 -13.77 0.80
N PHE A 55 -2.31 -12.63 1.01
CA PHE A 55 -3.64 -12.41 0.47
C PHE A 55 -3.71 -11.06 -0.23
N LEU A 56 -4.84 -10.86 -0.91
N LEU A 56 -4.85 -10.83 -0.89
CA LEU A 56 -5.11 -9.64 -1.65
CA LEU A 56 -5.08 -9.62 -1.66
C LEU A 56 -6.38 -9.00 -1.12
C LEU A 56 -6.41 -9.01 -1.26
N VAL A 57 -6.44 -7.68 -1.20
CA VAL A 57 -7.68 -6.94 -0.98
C VAL A 57 -7.93 -6.12 -2.24
N ILE A 58 -9.11 -6.27 -2.83
CA ILE A 58 -9.41 -5.60 -4.09
C ILE A 58 -10.71 -4.84 -3.97
N PRO A 59 -10.85 -3.70 -4.64
CA PRO A 59 -12.16 -3.05 -4.71
C PRO A 59 -13.09 -3.84 -5.60
N LYS A 60 -14.39 -3.76 -5.29
CA LYS A 60 -15.38 -4.28 -6.23
C LYS A 60 -15.54 -3.38 -7.44
N LYS A 61 -15.42 -2.06 -7.25
CA LYS A 61 -15.34 -1.13 -8.38
C LYS A 61 -14.09 -1.40 -9.18
N HIS A 62 -14.23 -1.49 -10.50
CA HIS A 62 -13.07 -1.75 -11.34
C HIS A 62 -12.27 -0.48 -11.52
N ILE A 63 -11.03 -0.48 -11.02
CA ILE A 63 -10.01 0.53 -11.26
C ILE A 63 -8.82 -0.25 -11.78
N SER A 64 -8.32 0.12 -12.95
CA SER A 64 -7.32 -0.72 -13.62
C SER A 64 -5.99 -0.74 -12.87
N GLN A 65 -5.60 0.40 -12.30
CA GLN A 65 -4.28 0.55 -11.71
C GLN A 65 -4.31 1.82 -10.88
N ILE A 66 -3.41 1.88 -9.89
CA ILE A 66 -3.43 3.01 -8.97
C ILE A 66 -3.17 4.33 -9.69
N SER A 67 -2.38 4.30 -10.77
CA SER A 67 -2.04 5.53 -11.46
C SER A 67 -3.26 6.22 -12.08
N VAL A 68 -4.37 5.52 -12.28
CA VAL A 68 -5.56 6.14 -12.85
C VAL A 68 -6.68 6.32 -11.84
N ALA A 69 -6.42 6.06 -10.55
CA ALA A 69 -7.43 6.25 -9.53
C ALA A 69 -7.83 7.71 -9.45
N GLU A 70 -9.11 7.96 -9.20
CA GLU A 70 -9.63 9.31 -9.13
C GLU A 70 -9.55 9.84 -7.70
N ASP A 71 -9.59 11.17 -7.58
CA ASP A 71 -9.54 11.79 -6.25
C ASP A 71 -10.64 11.25 -5.35
N ASP A 72 -11.82 11.01 -5.92
CA ASP A 72 -12.95 10.51 -5.13
C ASP A 72 -12.80 9.06 -4.73
N ASP A 73 -11.75 8.37 -5.18
CA ASP A 73 -11.47 7.00 -4.78
C ASP A 73 -10.70 6.92 -3.46
N GLU A 74 -10.46 8.05 -2.79
CA GLU A 74 -9.61 8.02 -1.60
C GLU A 74 -10.18 7.12 -0.52
N SER A 75 -11.47 7.28 -0.19
CA SER A 75 -12.06 6.48 0.88
C SER A 75 -11.97 5.00 0.55
N LEU A 76 -12.21 4.63 -0.72
CA LEU A 76 -12.16 3.24 -1.12
C LEU A 76 -10.75 2.67 -0.99
N LEU A 77 -9.74 3.42 -1.43
CA LEU A 77 -8.37 2.94 -1.32
C LEU A 77 -7.97 2.79 0.13
N GLY A 78 -8.34 3.76 0.98
CA GLY A 78 -8.08 3.61 2.39
C GLY A 78 -8.81 2.43 3.00
N HIS A 79 -10.02 2.14 2.50
CA HIS A 79 -10.78 1.00 2.99
C HIS A 79 -10.05 -0.31 2.69
N LEU A 80 -9.36 -0.38 1.54
CA LEU A 80 -8.57 -1.58 1.26
C LEU A 80 -7.53 -1.81 2.35
N MET A 81 -6.88 -0.74 2.81
CA MET A 81 -5.85 -0.88 3.84
C MET A 81 -6.45 -1.22 5.19
N ILE A 82 -7.59 -0.60 5.54
CA ILE A 82 -8.23 -0.92 6.80
C ILE A 82 -8.69 -2.38 6.81
N VAL A 83 -9.31 -2.83 5.71
CA VAL A 83 -9.69 -4.24 5.61
C VAL A 83 -8.46 -5.13 5.64
N GLY A 84 -7.39 -4.73 4.95
CA GLY A 84 -6.15 -5.51 4.99
C GLY A 84 -5.63 -5.70 6.39
N LYS A 85 -5.58 -4.61 7.18
CA LYS A 85 -5.05 -4.75 8.53
C LYS A 85 -5.99 -5.53 9.43
N LYS A 86 -7.31 -5.39 9.24
CA LYS A 86 -8.25 -6.19 10.03
C LYS A 86 -8.13 -7.67 9.70
N CYS A 87 -8.05 -8.01 8.40
CA CYS A 87 -7.87 -9.41 8.02
C CYS A 87 -6.56 -9.97 8.53
N ALA A 88 -5.48 -9.17 8.51
CA ALA A 88 -4.21 -9.65 9.03
C ALA A 88 -4.33 -9.99 10.51
N ALA A 89 -5.03 -9.15 11.28
CA ALA A 89 -5.24 -9.47 12.68
C ALA A 89 -6.08 -10.73 12.85
N ASP A 90 -7.14 -10.87 12.04
CA ASP A 90 -7.99 -12.05 12.11
C ASP A 90 -7.23 -13.32 11.76
N LEU A 91 -6.20 -13.19 10.93
CA LEU A 91 -5.36 -14.32 10.54
C LEU A 91 -4.18 -14.52 11.47
N GLY A 92 -4.13 -13.79 12.58
CA GLY A 92 -3.08 -14.02 13.57
C GLY A 92 -1.71 -13.51 13.22
N LEU A 93 -1.60 -12.53 12.32
CA LEU A 93 -0.30 -11.99 11.93
C LEU A 93 0.20 -10.95 12.95
N ASN A 94 0.39 -11.43 14.18
CA ASN A 94 0.69 -10.57 15.31
C ASN A 94 2.12 -10.02 15.31
N LYS A 95 3.01 -10.57 14.49
CA LYS A 95 4.36 -10.03 14.38
C LYS A 95 4.48 -9.01 13.26
N GLY A 96 3.44 -8.81 12.49
CA GLY A 96 3.43 -7.78 11.47
C GLY A 96 3.28 -8.37 10.08
N TYR A 97 3.43 -7.50 9.08
CA TYR A 97 3.12 -7.86 7.70
C TYR A 97 3.52 -6.68 6.83
N ARG A 98 3.52 -6.90 5.53
CA ARG A 98 3.83 -5.88 4.53
C ARG A 98 2.67 -5.77 3.56
N MET A 99 2.29 -4.54 3.25
CA MET A 99 1.26 -4.25 2.26
C MET A 99 1.93 -3.69 1.01
N VAL A 100 1.49 -4.14 -0.16
CA VAL A 100 2.14 -3.78 -1.42
C VAL A 100 1.09 -3.49 -2.48
N VAL A 101 1.25 -2.39 -3.20
CA VAL A 101 0.52 -2.17 -4.45
C VAL A 101 1.54 -2.04 -5.57
N ASN A 102 1.38 -2.87 -6.60
CA ASN A 102 2.24 -2.82 -7.78
C ASN A 102 1.57 -1.99 -8.85
N GLU A 103 2.32 -1.07 -9.46
CA GLU A 103 1.82 -0.25 -10.57
C GLU A 103 2.64 -0.49 -11.82
N GLY A 104 1.99 -0.91 -12.89
CA GLY A 104 2.66 -0.96 -14.17
C GLY A 104 3.79 -1.97 -14.26
N SER A 105 4.56 -1.81 -15.34
N SER A 105 4.56 -1.82 -15.34
CA SER A 105 5.59 -2.79 -15.67
CA SER A 105 5.59 -2.81 -15.66
C SER A 105 6.73 -2.79 -14.65
C SER A 105 6.73 -2.79 -14.64
N ASP A 106 7.25 -1.61 -14.33
CA ASP A 106 8.33 -1.53 -13.34
C ASP A 106 7.85 -1.95 -11.96
N GLY A 107 6.56 -1.75 -11.66
CA GLY A 107 6.02 -2.20 -10.39
C GLY A 107 5.76 -3.68 -10.30
N GLY A 108 5.83 -4.40 -11.42
CA GLY A 108 5.54 -5.81 -11.41
C GLY A 108 4.07 -6.14 -11.48
N GLN A 109 3.22 -5.19 -11.89
CA GLN A 109 1.80 -5.48 -11.98
C GLN A 109 1.51 -6.46 -13.11
N SER A 110 0.68 -7.46 -12.84
CA SER A 110 0.28 -8.44 -13.85
C SER A 110 -1.21 -8.52 -14.12
N VAL A 111 -2.07 -8.03 -13.21
CA VAL A 111 -3.51 -8.00 -13.40
C VAL A 111 -3.96 -6.56 -13.26
N TYR A 112 -4.65 -6.04 -14.27
CA TYR A 112 -5.03 -4.63 -14.28
C TYR A 112 -6.43 -4.41 -13.69
N HIS A 113 -6.50 -4.76 -12.41
CA HIS A 113 -7.58 -4.42 -11.50
C HIS A 113 -6.89 -4.23 -10.16
N VAL A 114 -6.99 -3.03 -9.60
CA VAL A 114 -6.21 -2.65 -8.40
C VAL A 114 -6.28 -3.72 -7.31
N HIS A 115 -5.12 -4.04 -6.73
CA HIS A 115 -5.08 -5.07 -5.65
C HIS A 115 -3.98 -4.73 -4.67
N LEU A 116 -4.33 -4.77 -3.38
CA LEU A 116 -3.38 -4.60 -2.29
C LEU A 116 -2.93 -5.97 -1.77
N HIS A 117 -1.64 -6.28 -1.89
CA HIS A 117 -1.09 -7.50 -1.32
C HIS A 117 -0.87 -7.29 0.17
N VAL A 118 -1.11 -8.34 0.96
CA VAL A 118 -0.73 -8.38 2.37
C VAL A 118 0.04 -9.67 2.59
N LEU A 119 1.29 -9.55 3.03
CA LEU A 119 2.20 -10.67 3.20
C LEU A 119 2.70 -10.71 4.64
N GLY A 120 2.67 -11.87 5.26
CA GLY A 120 3.22 -12.01 6.59
C GLY A 120 3.47 -13.45 6.94
N GLY A 121 3.75 -13.67 8.24
CA GLY A 121 4.10 -15.00 8.71
C GLY A 121 5.57 -15.35 8.56
N ARG A 122 6.39 -14.44 8.04
CA ARG A 122 7.83 -14.59 8.02
C ARG A 122 8.44 -13.20 8.08
N GLN A 123 9.74 -13.13 8.33
CA GLN A 123 10.44 -11.86 8.26
C GLN A 123 10.48 -11.41 6.80
N MET A 124 9.96 -10.21 6.54
CA MET A 124 10.11 -9.59 5.23
C MET A 124 11.42 -8.80 5.19
N HIS A 125 12.03 -8.76 4.01
CA HIS A 125 13.37 -8.19 3.86
C HIS A 125 13.32 -6.85 3.14
N TRP A 126 14.43 -6.14 3.19
CA TRP A 126 14.57 -4.84 2.54
C TRP A 126 15.75 -4.96 1.57
N PRO A 127 15.64 -4.43 0.35
CA PRO A 127 14.53 -3.67 -0.22
C PRO A 127 13.32 -4.56 -0.54
N PRO A 128 12.16 -3.96 -0.73
CA PRO A 128 10.94 -4.73 -1.00
C PRO A 128 10.84 -5.11 -2.48
N GLY A 129 11.79 -5.92 -2.93
CA GLY A 129 11.97 -6.17 -4.34
C GLY A 129 12.81 -5.10 -5.02
N GLY B 18 4.98 8.50 21.60
CA GLY B 18 6.38 8.76 21.39
C GLY B 18 6.69 9.43 20.05
N ASP B 19 7.38 10.56 20.11
CA ASP B 19 7.80 11.27 18.91
C ASP B 19 8.79 10.42 18.12
N THR B 20 8.86 10.68 16.82
CA THR B 20 9.82 10.01 15.95
C THR B 20 10.52 11.05 15.07
N ILE B 21 11.53 10.58 14.35
CA ILE B 21 12.24 11.43 13.40
C ILE B 21 11.29 11.98 12.34
N PHE B 22 10.24 11.24 11.99
CA PHE B 22 9.26 11.76 11.03
C PHE B 22 8.47 12.92 11.60
N GLY B 23 8.19 12.89 12.92
CA GLY B 23 7.63 14.06 13.57
C GLY B 23 8.53 15.27 13.45
N LYS B 24 9.84 15.08 13.65
CA LYS B 24 10.77 16.19 13.49
C LYS B 24 10.76 16.72 12.06
N ILE B 25 10.64 15.82 11.09
CA ILE B 25 10.60 16.26 9.69
C ILE B 25 9.33 17.07 9.42
N ILE B 26 8.18 16.58 9.90
CA ILE B 26 6.92 17.32 9.74
C ILE B 26 7.02 18.71 10.36
N ARG B 27 7.66 18.81 11.53
CA ARG B 27 7.77 20.08 12.24
C ARG B 27 8.86 20.97 11.69
N LYS B 28 9.59 20.50 10.67
CA LYS B 28 10.66 21.24 10.00
C LYS B 28 11.87 21.45 10.91
N GLU B 29 12.01 20.60 11.93
CA GLU B 29 13.12 20.70 12.86
C GLU B 29 14.41 20.13 12.28
N ILE B 30 14.30 19.17 11.36
CA ILE B 30 15.47 18.68 10.65
C ILE B 30 15.15 18.68 9.16
N PRO B 31 16.16 18.77 8.29
CA PRO B 31 15.88 18.89 6.86
C PRO B 31 15.47 17.56 6.23
N ALA B 32 14.70 17.69 5.15
CA ALA B 32 14.37 16.59 4.26
C ALA B 32 14.10 17.20 2.90
N LYS B 33 14.23 16.40 1.84
CA LYS B 33 13.97 16.87 0.48
C LYS B 33 12.47 16.71 0.23
N ILE B 34 11.72 17.78 0.49
CA ILE B 34 10.27 17.72 0.43
C ILE B 34 9.80 17.80 -1.01
N ILE B 35 8.89 16.89 -1.38
CA ILE B 35 8.32 16.83 -2.72
C ILE B 35 6.98 17.54 -2.77
N PHE B 36 6.18 17.40 -1.72
CA PHE B 36 4.82 17.90 -1.69
C PHE B 36 4.36 18.00 -0.25
N GLU B 37 3.49 18.96 0.02
CA GLU B 37 2.91 19.09 1.34
C GLU B 37 1.49 19.61 1.18
N ASP B 38 0.61 19.19 2.08
CA ASP B 38 -0.70 19.82 2.20
C ASP B 38 -1.01 19.97 3.69
N ASP B 39 -2.29 20.17 4.02
CA ASP B 39 -2.67 20.34 5.42
C ASP B 39 -2.63 19.05 6.23
N ARG B 40 -2.51 17.89 5.57
CA ARG B 40 -2.68 16.62 6.26
C ARG B 40 -1.61 15.57 5.94
N CYS B 41 -0.69 15.86 5.04
CA CYS B 41 0.35 14.88 4.73
C CYS B 41 1.58 15.61 4.19
N LEU B 42 2.66 14.85 4.10
CA LEU B 42 3.94 15.34 3.62
C LEU B 42 4.61 14.24 2.83
N ALA B 43 5.17 14.58 1.67
CA ALA B 43 5.92 13.64 0.85
C ALA B 43 7.35 14.13 0.73
N PHE B 44 8.31 13.23 0.92
CA PHE B 44 9.73 13.60 0.91
C PHE B 44 10.56 12.40 0.49
N HIS B 45 11.73 12.69 -0.06
CA HIS B 45 12.60 11.61 -0.52
C HIS B 45 13.16 10.84 0.67
N ASP B 46 13.22 9.52 0.54
CA ASP B 46 13.79 8.67 1.58
C ASP B 46 15.30 8.90 1.67
N ILE B 47 15.80 9.03 2.90
CA ILE B 47 17.23 9.27 3.10
C ILE B 47 18.09 8.05 2.74
N SER B 48 17.49 6.86 2.69
N SER B 48 17.49 6.86 2.68
CA SER B 48 18.19 5.63 2.34
CA SER B 48 18.19 5.62 2.34
C SER B 48 17.48 4.99 1.15
C SER B 48 17.49 4.99 1.15
N PRO B 49 17.61 5.58 -0.04
CA PRO B 49 16.79 5.14 -1.17
C PRO B 49 17.18 3.75 -1.65
N GLN B 50 16.16 2.97 -1.98
CA GLN B 50 16.30 1.60 -2.47
C GLN B 50 16.02 1.49 -3.96
N ALA B 51 15.78 2.60 -4.63
CA ALA B 51 15.53 2.65 -6.06
C ALA B 51 15.90 4.03 -6.54
N PRO B 52 16.04 4.23 -7.85
CA PRO B 52 16.44 5.57 -8.32
C PRO B 52 15.49 6.66 -7.87
N THR B 53 14.20 6.35 -7.74
CA THR B 53 13.25 7.22 -7.05
C THR B 53 12.67 6.43 -5.88
N HIS B 54 12.78 6.98 -4.68
CA HIS B 54 12.23 6.32 -3.50
C HIS B 54 11.83 7.44 -2.53
N PHE B 55 10.53 7.64 -2.38
CA PHE B 55 10.04 8.68 -1.49
C PHE B 55 8.98 8.11 -0.55
N LEU B 56 8.63 8.91 0.45
CA LEU B 56 7.65 8.56 1.46
C LEU B 56 6.52 9.55 1.43
N VAL B 57 5.30 9.07 1.71
CA VAL B 57 4.15 9.93 1.97
C VAL B 57 3.66 9.59 3.37
N ILE B 58 3.60 10.58 4.25
CA ILE B 58 3.25 10.33 5.64
C ILE B 58 2.12 11.24 6.07
N PRO B 59 1.21 10.78 6.93
CA PRO B 59 0.19 11.69 7.47
C PRO B 59 0.81 12.60 8.50
N LYS B 60 0.27 13.81 8.63
CA LYS B 60 0.69 14.66 9.74
C LYS B 60 0.16 14.16 11.06
N LYS B 61 -1.00 13.48 11.04
CA LYS B 61 -1.53 12.83 12.24
C LYS B 61 -0.61 11.69 12.65
N HIS B 62 -0.30 11.60 13.94
CA HIS B 62 0.61 10.58 14.44
C HIS B 62 -0.03 9.22 14.63
N ILE B 63 -0.29 8.53 13.54
CA ILE B 63 -0.70 7.13 13.60
C ILE B 63 0.59 6.31 13.64
N SER B 64 0.77 5.52 14.71
CA SER B 64 2.07 4.87 14.90
C SER B 64 2.30 3.73 13.90
N GLN B 65 1.24 3.03 13.52
CA GLN B 65 1.36 1.88 12.64
C GLN B 65 -0.01 1.58 12.06
N ILE B 66 -0.02 0.96 10.88
CA ILE B 66 -1.29 0.73 10.19
C ILE B 66 -2.22 -0.16 11.02
N SER B 67 -1.65 -1.04 11.86
CA SER B 67 -2.49 -1.96 12.63
C SER B 67 -3.37 -1.23 13.64
N VAL B 68 -3.04 0.01 14.00
CA VAL B 68 -3.84 0.76 14.97
C VAL B 68 -4.65 1.87 14.30
N ALA B 69 -4.63 1.95 12.97
CA ALA B 69 -5.44 2.97 12.30
C ALA B 69 -6.92 2.71 12.54
N GLU B 70 -7.68 3.80 12.62
CA GLU B 70 -9.11 3.74 12.90
C GLU B 70 -9.90 3.80 11.59
N ASP B 71 -11.17 3.37 11.67
CA ASP B 71 -12.04 3.43 10.50
C ASP B 71 -12.15 4.86 9.97
N ASP B 72 -12.22 5.84 10.87
CA ASP B 72 -12.30 7.24 10.46
C ASP B 72 -11.07 7.72 9.72
N ASP B 73 -9.97 6.97 9.76
CA ASP B 73 -8.75 7.30 9.04
C ASP B 73 -8.75 6.82 7.59
N GLU B 74 -9.83 6.17 7.15
N GLU B 74 -9.84 6.19 7.12
CA GLU B 74 -9.83 5.57 5.81
CA GLU B 74 -9.80 5.55 5.81
C GLU B 74 -9.48 6.58 4.74
C GLU B 74 -9.53 6.55 4.69
N SER B 75 -10.17 7.71 4.71
CA SER B 75 -9.94 8.65 3.62
C SER B 75 -8.54 9.25 3.71
N LEU B 76 -8.02 9.47 4.92
CA LEU B 76 -6.65 9.96 5.07
C LEU B 76 -5.65 8.96 4.49
N LEU B 77 -5.82 7.67 4.80
CA LEU B 77 -4.92 6.66 4.24
C LEU B 77 -5.02 6.63 2.73
N GLY B 78 -6.23 6.69 2.19
CA GLY B 78 -6.38 6.77 0.75
C GLY B 78 -5.74 8.01 0.18
N HIS B 79 -5.79 9.12 0.93
CA HIS B 79 -5.15 10.36 0.49
C HIS B 79 -3.64 10.17 0.35
N LEU B 80 -3.02 9.40 1.24
CA LEU B 80 -1.59 9.12 1.08
C LEU B 80 -1.31 8.45 -0.26
N MET B 81 -2.18 7.53 -0.68
CA MET B 81 -1.97 6.84 -1.94
C MET B 81 -2.21 7.74 -3.14
N ILE B 82 -3.24 8.60 -3.08
CA ILE B 82 -3.49 9.52 -4.18
C ILE B 82 -2.36 10.53 -4.32
N VAL B 83 -1.92 11.09 -3.19
CA VAL B 83 -0.74 11.95 -3.21
C VAL B 83 0.48 11.19 -3.74
N GLY B 84 0.67 9.95 -3.28
CA GLY B 84 1.77 9.15 -3.76
C GLY B 84 1.75 8.97 -5.27
N LYS B 85 0.58 8.63 -5.83
CA LYS B 85 0.55 8.42 -7.27
C LYS B 85 0.72 9.72 -8.06
N LYS B 86 0.22 10.85 -7.54
CA LYS B 86 0.44 12.13 -8.19
C LYS B 86 1.92 12.53 -8.14
N CYS B 87 2.57 12.34 -6.99
CA CYS B 87 4.00 12.62 -6.90
C CYS B 87 4.79 11.73 -7.84
N ALA B 88 4.41 10.45 -7.95
CA ALA B 88 5.11 9.54 -8.83
C ALA B 88 5.05 10.01 -10.27
N ALA B 89 3.88 10.47 -10.72
CA ALA B 89 3.75 10.99 -12.07
C ALA B 89 4.60 12.25 -12.24
N ASP B 90 4.56 13.15 -11.25
CA ASP B 90 5.36 14.37 -11.32
C ASP B 90 6.85 14.07 -11.37
N LEU B 91 7.28 12.97 -10.74
CA LEU B 91 8.67 12.57 -10.74
C LEU B 91 9.04 11.72 -11.96
N GLY B 92 8.12 11.59 -12.92
CA GLY B 92 8.42 10.94 -14.18
C GLY B 92 8.40 9.43 -14.17
N LEU B 93 7.72 8.81 -13.21
CA LEU B 93 7.69 7.35 -13.10
C LEU B 93 6.62 6.75 -14.02
N ASN B 94 6.80 6.98 -15.32
CA ASN B 94 5.80 6.57 -16.30
C ASN B 94 5.83 5.08 -16.61
N LYS B 95 6.88 4.35 -16.23
CA LYS B 95 6.92 2.91 -16.42
C LYS B 95 6.41 2.13 -15.21
N GLY B 96 6.00 2.80 -14.15
CA GLY B 96 5.43 2.16 -12.99
C GLY B 96 6.27 2.34 -11.75
N TYR B 97 5.77 1.76 -10.66
CA TYR B 97 6.37 1.92 -9.34
C TYR B 97 5.69 0.93 -8.39
N ARG B 98 6.21 0.85 -7.17
CA ARG B 98 5.66 -0.01 -6.13
C ARG B 98 5.40 0.82 -4.89
N MET B 99 4.22 0.63 -4.29
CA MET B 99 3.86 1.27 -3.03
C MET B 99 3.91 0.23 -1.91
N VAL B 100 4.47 0.60 -0.76
CA VAL B 100 4.68 -0.34 0.33
C VAL B 100 4.34 0.31 1.66
N VAL B 101 3.59 -0.40 2.50
CA VAL B 101 3.41 -0.05 3.90
C VAL B 101 3.90 -1.21 4.74
N ASN B 102 4.86 -0.95 5.62
CA ASN B 102 5.37 -1.98 6.52
C ASN B 102 4.71 -1.89 7.89
N GLU B 103 4.40 -3.05 8.47
CA GLU B 103 3.82 -3.13 9.81
C GLU B 103 4.66 -4.03 10.69
N GLY B 104 5.15 -3.49 11.80
CA GLY B 104 5.76 -4.33 12.81
C GLY B 104 7.11 -4.92 12.43
N SER B 105 7.54 -5.85 13.28
N SER B 105 7.55 -5.87 13.26
CA SER B 105 8.85 -6.47 13.13
CA SER B 105 8.88 -6.43 13.08
C SER B 105 8.94 -7.28 11.84
C SER B 105 8.97 -7.30 11.83
N ASP B 106 7.97 -8.18 11.62
CA ASP B 106 8.00 -9.00 10.41
C ASP B 106 7.86 -8.15 9.15
N GLY B 107 7.11 -7.05 9.24
CA GLY B 107 6.99 -6.17 8.09
C GLY B 107 8.20 -5.31 7.83
N GLY B 108 9.16 -5.29 8.77
CA GLY B 108 10.34 -4.46 8.61
C GLY B 108 10.08 -2.98 8.82
N GLN B 109 9.07 -2.62 9.61
CA GLN B 109 8.74 -1.22 9.81
C GLN B 109 9.86 -0.52 10.56
N SER B 110 10.40 0.54 9.98
CA SER B 110 11.61 1.17 10.51
C SER B 110 11.34 2.36 11.42
N VAL B 111 10.21 3.05 11.26
CA VAL B 111 9.81 4.19 12.08
C VAL B 111 8.36 3.97 12.46
N TYR B 112 8.03 4.15 13.74
CA TYR B 112 6.66 3.98 14.21
C TYR B 112 5.83 5.26 14.05
N HIS B 113 5.74 5.65 12.78
CA HIS B 113 4.83 6.66 12.27
C HIS B 113 4.45 6.15 10.89
N VAL B 114 3.15 5.96 10.64
N VAL B 114 3.16 5.91 10.65
CA VAL B 114 2.70 5.35 9.39
CA VAL B 114 2.79 5.20 9.42
C VAL B 114 3.36 6.05 8.20
C VAL B 114 3.25 5.97 8.20
N HIS B 115 3.84 5.26 7.24
CA HIS B 115 4.43 5.86 6.06
C HIS B 115 4.23 4.95 4.86
N LEU B 116 3.93 5.57 3.73
CA LEU B 116 3.79 4.86 2.45
C LEU B 116 5.08 5.07 1.65
N HIS B 117 5.79 3.99 1.36
CA HIS B 117 6.94 4.05 0.45
C HIS B 117 6.45 4.02 -0.98
N VAL B 118 7.10 4.79 -1.84
CA VAL B 118 6.88 4.72 -3.29
C VAL B 118 8.25 4.58 -3.95
N LEU B 119 8.46 3.49 -4.68
CA LEU B 119 9.75 3.15 -5.28
C LEU B 119 9.58 2.94 -6.77
N GLY B 120 10.48 3.52 -7.56
CA GLY B 120 10.46 3.29 -8.99
C GLY B 120 11.77 3.73 -9.62
N GLY B 121 11.75 3.80 -10.95
CA GLY B 121 12.96 4.11 -11.69
C GLY B 121 13.84 2.92 -11.98
N ARG B 122 13.41 1.72 -11.60
CA ARG B 122 14.06 0.46 -11.93
C ARG B 122 12.99 -0.61 -11.89
N GLN B 123 13.30 -1.78 -12.43
CA GLN B 123 12.41 -2.92 -12.30
C GLN B 123 12.36 -3.34 -10.84
N MET B 124 11.15 -3.37 -10.27
CA MET B 124 10.94 -3.95 -8.95
C MET B 124 10.68 -5.44 -9.11
N HIS B 125 11.18 -6.23 -8.16
CA HIS B 125 11.24 -7.67 -8.30
C HIS B 125 10.26 -8.37 -7.38
N TRP B 126 10.10 -9.67 -7.60
CA TRP B 126 9.14 -10.46 -6.84
C TRP B 126 9.88 -11.67 -6.32
N PRO B 127 9.73 -12.00 -5.02
CA PRO B 127 8.85 -11.40 -4.01
C PRO B 127 9.28 -9.99 -3.57
N PRO B 128 8.37 -9.23 -2.98
CA PRO B 128 8.69 -7.87 -2.54
C PRO B 128 9.36 -7.87 -1.16
N GLY B 129 10.54 -8.47 -1.11
CA GLY B 129 11.17 -8.76 0.17
C GLY B 129 10.73 -10.08 0.74
#